data_3C07
#
_entry.id   3C07
#
_cell.length_a   74.947
_cell.length_b   74.947
_cell.length_c   208.075
_cell.angle_alpha   90.00
_cell.angle_beta   90.00
_cell.angle_gamma   90.00
#
_symmetry.space_group_name_H-M   'P 43 21 2'
#
loop_
_entity.id
_entity.type
_entity.pdbx_description
1 polymer 'Putative tetR-family transcriptional regulator'
2 non-polymer 'SULFATE ION'
#
_entity_poly.entity_id   1
_entity_poly.type   'polypeptide(L)'
_entity_poly.pdbx_seq_one_letter_code
;(MSE)GSSHHHHHHSSGRENLYFQGH(MSE)PATNDGPDDGAHLSKSEQTRALILETA(MSE)RLFQERGYDRTT(MSE)
RAIAQEAGVSVGNAYYYFAGKEHLIQGFYDRIAAEHRAAVREVLARETDLEARLAGVLKVWLDIATPYHEFAVQFFKNAA
DPDSPLSPFSPESEHARVEAIGIHRAVLAGAKTKVPEELRDILPEL(MSE)WLSQ(MSE)GLVLYWIFDRTEGRERSYRL
AERGARLTARGVVLARFRVLRPLVREVHELFTDFLPG(MSE)TKV(MSE)PDPAKKPTRDAGPQA
;
_entity_poly.pdbx_strand_id   A,B
#
loop_
_chem_comp.id
_chem_comp.type
_chem_comp.name
_chem_comp.formula
SO4 non-polymer 'SULFATE ION' 'O4 S -2'
#
# COMPACT_ATOMS: atom_id res chain seq x y z
N SER A 37 34.42 16.05 12.97
CA SER A 37 33.75 15.60 11.73
C SER A 37 33.98 14.11 11.53
N LYS A 38 35.16 13.62 11.92
CA LYS A 38 35.39 12.16 11.90
C LYS A 38 34.22 11.45 12.56
N SER A 39 33.73 12.03 13.66
CA SER A 39 32.60 11.44 14.37
C SER A 39 31.27 11.53 13.59
N GLU A 40 31.06 12.59 12.84
CA GLU A 40 29.78 12.75 12.14
C GLU A 40 29.83 11.98 10.82
N GLN A 41 31.03 11.91 10.29
CA GLN A 41 31.25 11.26 9.03
C GLN A 41 31.13 9.76 9.17
N THR A 42 31.56 9.22 10.33
CA THR A 42 31.40 7.80 10.69
C THR A 42 29.93 7.51 10.90
N ARG A 43 29.26 8.42 11.59
CA ARG A 43 27.84 8.25 11.79
C ARG A 43 27.22 7.96 10.44
N ALA A 44 27.46 8.84 9.48
CA ALA A 44 26.79 8.79 8.20
C ALA A 44 27.31 7.62 7.37
N LEU A 45 28.58 7.30 7.57
CA LEU A 45 29.20 6.21 6.87
C LEU A 45 28.45 4.89 7.23
N ILE A 46 28.27 4.65 8.53
CA ILE A 46 27.50 3.49 8.99
C ILE A 46 26.16 3.48 8.31
N LEU A 47 25.45 4.59 8.42
CA LEU A 47 24.11 4.67 7.86
C LEU A 47 24.05 4.34 6.36
N GLU A 48 24.97 4.86 5.57
CA GLU A 48 24.92 4.63 4.14
C GLU A 48 25.27 3.22 3.75
N THR A 49 26.20 2.66 4.51
CA THR A 49 26.63 1.31 4.28
C THR A 49 25.51 0.35 4.57
N ALA A 50 24.84 0.58 5.70
CA ALA A 50 23.81 -0.35 6.18
C ALA A 50 22.68 -0.39 5.14
N MSE A 51 22.36 0.79 4.62
CA MSE A 51 21.31 0.96 3.63
C MSE A 51 21.63 0.33 2.30
O MSE A 51 20.74 -0.11 1.58
CB MSE A 51 21.00 2.43 3.43
CG MSE A 51 20.13 2.95 4.53
SE MSE A 51 19.69 4.81 4.21
CE MSE A 51 18.86 4.65 2.45
N ARG A 52 22.91 0.32 1.94
CA ARG A 52 23.26 -0.27 0.67
C ARG A 52 23.17 -1.75 0.87
N LEU A 53 23.58 -2.21 2.03
CA LEU A 53 23.51 -3.61 2.29
C LEU A 53 22.07 -4.11 2.31
N PHE A 54 21.19 -3.36 2.98
CA PHE A 54 19.82 -3.85 3.12
C PHE A 54 19.27 -3.94 1.71
N GLN A 55 19.67 -2.95 0.90
CA GLN A 55 19.25 -2.87 -0.48
C GLN A 55 19.73 -4.04 -1.35
N GLU A 56 21.01 -4.46 -1.28
CA GLU A 56 21.44 -5.66 -2.04
C GLU A 56 21.36 -7.05 -1.34
N ARG A 57 21.74 -7.10 -0.06
CA ARG A 57 21.68 -8.31 0.75
C ARG A 57 20.25 -8.58 1.01
N GLY A 58 19.52 -7.51 1.35
CA GLY A 58 18.18 -7.64 1.94
C GLY A 58 18.32 -7.42 3.44
N TYR A 59 17.34 -6.76 4.04
CA TYR A 59 17.41 -6.43 5.43
C TYR A 59 17.42 -7.67 6.32
N ASP A 60 16.53 -8.62 6.12
CA ASP A 60 16.64 -9.79 6.97
C ASP A 60 18.06 -10.36 7.08
N ARG A 61 18.76 -10.52 5.95
CA ARG A 61 20.06 -11.21 6.05
C ARG A 61 21.31 -10.32 6.13
N THR A 62 21.13 -9.08 6.54
CA THR A 62 22.26 -8.21 6.91
C THR A 62 22.39 -8.20 8.43
N THR A 63 23.60 -8.38 8.97
CA THR A 63 23.81 -8.14 10.42
C THR A 63 24.63 -6.87 10.73
N MSE A 64 24.52 -6.38 11.96
CA MSE A 64 25.39 -5.34 12.42
C MSE A 64 26.84 -5.68 12.07
O MSE A 64 27.50 -4.97 11.34
CB MSE A 64 25.17 -5.16 13.91
CG MSE A 64 23.91 -4.44 14.26
SE MSE A 64 23.88 -2.62 13.51
CE MSE A 64 25.17 -1.62 14.58
N ARG A 65 27.31 -6.81 12.56
CA ARG A 65 28.59 -7.36 12.19
C ARG A 65 28.96 -7.07 10.70
N ALA A 66 28.14 -7.55 9.75
CA ALA A 66 28.43 -7.36 8.32
C ALA A 66 28.50 -5.90 7.89
N ILE A 67 27.59 -5.08 8.40
CA ILE A 67 27.64 -3.65 8.16
C ILE A 67 28.97 -3.09 8.63
N ALA A 68 29.30 -3.33 9.89
CA ALA A 68 30.53 -2.80 10.50
C ALA A 68 31.74 -3.19 9.65
N GLN A 69 31.80 -4.45 9.21
CA GLN A 69 32.94 -4.87 8.43
C GLN A 69 32.93 -4.28 7.02
N GLU A 70 31.77 -3.91 6.50
CA GLU A 70 31.70 -3.32 5.17
C GLU A 70 32.08 -1.84 5.17
N ALA A 71 31.54 -1.10 6.13
CA ALA A 71 31.96 0.27 6.35
C ALA A 71 33.43 0.29 6.63
N GLY A 72 33.87 -0.73 7.39
CA GLY A 72 35.21 -0.79 7.95
C GLY A 72 35.40 -0.06 9.28
N VAL A 73 34.45 -0.23 10.20
CA VAL A 73 34.65 0.17 11.59
C VAL A 73 34.56 -1.05 12.49
N SER A 74 34.91 -0.86 13.75
CA SER A 74 34.66 -1.78 14.83
C SER A 74 33.15 -1.98 15.00
N VAL A 75 32.73 -3.20 15.31
CA VAL A 75 31.33 -3.42 15.60
C VAL A 75 30.93 -2.60 16.81
N GLY A 76 31.76 -2.61 17.84
CA GLY A 76 31.59 -1.67 18.92
C GLY A 76 31.29 -0.28 18.39
N ASN A 77 32.20 0.26 17.60
CA ASN A 77 31.99 1.60 17.10
C ASN A 77 30.68 1.86 16.32
N ALA A 78 30.18 0.85 15.60
CA ALA A 78 28.89 0.92 14.90
C ALA A 78 27.70 0.96 15.86
N TYR A 79 27.66 0.03 16.83
CA TYR A 79 26.63 0.08 17.86
C TYR A 79 26.56 1.40 18.61
N TYR A 80 27.72 2.01 18.81
CA TYR A 80 27.82 3.28 19.47
C TYR A 80 26.93 4.36 18.85
N TYR A 81 26.78 4.35 17.53
CA TYR A 81 25.93 5.31 16.81
C TYR A 81 24.48 4.79 16.67
N PHE A 82 24.35 3.50 16.31
CA PHE A 82 23.06 2.82 16.13
C PHE A 82 23.01 1.51 16.89
N ALA A 83 22.15 1.52 17.90
CA ALA A 83 22.04 0.44 18.84
C ALA A 83 21.63 -0.92 18.26
N GLY A 84 21.41 -1.02 16.94
CA GLY A 84 20.84 -2.21 16.31
C GLY A 84 20.28 -1.81 14.96
N LYS A 85 19.99 -2.79 14.10
CA LYS A 85 19.40 -2.54 12.77
C LYS A 85 18.14 -1.69 12.79
N GLU A 86 17.34 -1.83 13.83
CA GLU A 86 16.10 -1.10 13.89
C GLU A 86 16.35 0.39 14.09
N HIS A 87 17.34 0.73 14.91
CA HIS A 87 17.66 2.12 15.19
C HIS A 87 18.25 2.83 13.99
N LEU A 88 18.71 1.99 13.09
CA LEU A 88 19.38 2.40 11.92
C LEU A 88 18.35 2.89 10.92
N ILE A 89 17.33 2.07 10.68
CA ILE A 89 16.15 2.48 9.96
C ILE A 89 15.58 3.76 10.57
N GLN A 90 15.35 3.78 11.88
CA GLN A 90 14.87 5.02 12.51
C GLN A 90 15.75 6.21 12.19
N GLY A 91 17.05 5.95 12.16
CA GLY A 91 18.03 6.93 11.67
C GLY A 91 17.73 7.33 10.24
N PHE A 92 17.49 6.34 9.38
CA PHE A 92 17.08 6.71 8.02
C PHE A 92 15.82 7.61 8.11
N TYR A 93 14.74 7.13 8.75
CA TYR A 93 13.50 7.91 8.85
C TYR A 93 13.66 9.33 9.38
N ASP A 94 14.51 9.50 10.39
CA ASP A 94 14.72 10.81 11.03
C ASP A 94 15.43 11.82 10.19
N ARG A 95 16.49 11.32 9.52
CA ARG A 95 17.32 12.07 8.62
C ARG A 95 16.39 12.68 7.59
N ILE A 96 15.66 11.81 6.89
CA ILE A 96 14.72 12.18 5.81
C ILE A 96 13.53 13.11 6.18
N ALA A 97 13.10 13.07 7.45
CA ALA A 97 12.05 13.98 7.92
C ALA A 97 12.60 15.36 8.11
N ALA A 98 13.72 15.44 8.83
CA ALA A 98 14.45 16.68 8.97
C ALA A 98 14.83 17.30 7.62
N GLU A 99 15.32 16.47 6.67
CA GLU A 99 15.70 16.98 5.35
C GLU A 99 14.49 17.67 4.76
N HIS A 100 13.34 16.98 4.77
CA HIS A 100 12.11 17.47 4.18
C HIS A 100 11.66 18.74 4.86
N ARG A 101 11.82 18.73 6.16
CA ARG A 101 11.44 19.87 6.96
C ARG A 101 12.32 21.12 6.69
N ALA A 102 13.58 20.91 6.29
CA ALA A 102 14.47 22.04 5.96
C ALA A 102 14.09 22.53 4.59
N ALA A 103 13.95 21.57 3.69
CA ALA A 103 13.63 21.86 2.33
C ALA A 103 12.28 22.57 2.16
N VAL A 104 11.33 22.35 3.06
CA VAL A 104 10.01 23.00 2.90
C VAL A 104 10.02 24.47 3.31
N ARG A 105 11.17 24.99 3.73
CA ARG A 105 11.14 26.27 4.40
C ARG A 105 10.66 27.38 3.47
N GLU A 106 11.05 27.32 2.19
CA GLU A 106 10.67 28.37 1.21
C GLU A 106 9.22 28.31 0.75
N VAL A 107 8.80 27.20 0.13
CA VAL A 107 7.39 27.04 -0.26
C VAL A 107 6.47 27.63 0.80
N LEU A 108 6.66 27.18 2.04
CA LEU A 108 5.85 27.58 3.19
C LEU A 108 6.09 29.01 3.68
N ALA A 109 6.99 29.74 3.01
CA ALA A 109 7.12 31.17 3.26
C ALA A 109 6.52 31.98 2.11
N ARG A 110 6.62 31.48 0.88
CA ARG A 110 6.09 32.22 -0.26
C ARG A 110 4.58 32.00 -0.41
N GLU A 111 4.17 30.72 -0.40
CA GLU A 111 2.81 30.30 -0.77
C GLU A 111 1.80 30.58 0.31
N THR A 112 0.66 31.20 -0.08
CA THR A 112 -0.40 31.39 0.94
C THR A 112 -1.66 30.52 0.59
N ASP A 113 -1.77 30.06 -0.66
CA ASP A 113 -2.83 29.09 -0.99
C ASP A 113 -2.54 27.62 -0.52
N LEU A 114 -3.56 27.04 0.17
CA LEU A 114 -3.41 25.78 0.87
C LEU A 114 -2.94 24.81 -0.15
N GLU A 115 -3.70 24.73 -1.26
CA GLU A 115 -3.29 23.84 -2.30
C GLU A 115 -1.80 24.00 -2.60
N ALA A 116 -1.43 25.21 -3.02
CA ALA A 116 -0.06 25.42 -3.47
C ALA A 116 0.94 25.06 -2.38
N ARG A 117 0.58 25.29 -1.11
CA ARG A 117 1.43 24.88 0.00
C ARG A 117 1.56 23.37 0.07
N LEU A 118 0.44 22.67 0.00
CA LEU A 118 0.47 21.22 0.01
C LEU A 118 1.22 20.70 -1.22
N ALA A 119 0.80 21.16 -2.40
CA ALA A 119 1.51 20.94 -3.68
C ALA A 119 3.02 20.92 -3.55
N GLY A 120 3.60 22.05 -3.13
CA GLY A 120 5.06 22.21 -2.97
C GLY A 120 5.63 21.24 -1.97
N VAL A 121 5.12 21.27 -0.75
CA VAL A 121 5.55 20.32 0.27
C VAL A 121 5.74 18.86 -0.20
N LEU A 122 4.84 18.40 -1.06
CA LEU A 122 4.71 16.99 -1.28
C LEU A 122 5.72 16.71 -2.36
N LYS A 123 5.81 17.68 -3.26
CA LYS A 123 6.75 17.70 -4.36
C LYS A 123 8.18 17.70 -3.83
N VAL A 124 8.43 18.51 -2.81
CA VAL A 124 9.76 18.61 -2.25
C VAL A 124 10.11 17.32 -1.56
N TRP A 125 9.09 16.62 -1.12
CA TRP A 125 9.27 15.36 -0.49
C TRP A 125 9.80 14.38 -1.53
N LEU A 126 9.22 14.43 -2.72
CA LEU A 126 9.68 13.64 -3.81
C LEU A 126 11.14 13.95 -4.15
N ASP A 127 11.49 15.24 -4.36
CA ASP A 127 12.91 15.63 -4.65
C ASP A 127 13.84 14.98 -3.67
N ILE A 128 13.45 14.99 -2.41
CA ILE A 128 14.29 14.50 -1.35
C ILE A 128 14.35 12.97 -1.31
N ALA A 129 13.21 12.30 -1.52
CA ALA A 129 13.20 10.84 -1.51
C ALA A 129 14.02 10.29 -2.68
N THR A 130 14.12 11.10 -3.73
CA THR A 130 14.58 10.64 -5.02
C THR A 130 15.87 9.83 -4.98
N PRO A 131 16.90 10.27 -4.24
CA PRO A 131 18.01 9.33 -4.12
C PRO A 131 17.61 7.94 -3.57
N TYR A 132 16.68 7.84 -2.62
CA TYR A 132 16.41 6.53 -1.97
C TYR A 132 15.40 5.60 -2.63
N HIS A 133 15.16 5.75 -3.92
CA HIS A 133 14.12 4.96 -4.59
C HIS A 133 14.41 3.50 -4.67
N GLU A 134 15.65 3.15 -4.95
CA GLU A 134 15.97 1.75 -5.12
C GLU A 134 16.00 1.10 -3.74
N PHE A 135 16.59 1.81 -2.78
CA PHE A 135 16.37 1.45 -1.39
C PHE A 135 14.92 1.14 -1.05
N ALA A 136 13.99 2.07 -1.35
CA ALA A 136 12.60 1.93 -0.89
C ALA A 136 11.94 0.74 -1.59
N VAL A 137 12.22 0.59 -2.88
CA VAL A 137 11.69 -0.54 -3.63
C VAL A 137 12.04 -1.87 -2.92
N GLN A 138 13.26 -1.93 -2.42
CA GLN A 138 13.80 -3.15 -1.81
C GLN A 138 13.36 -3.30 -0.34
N PHE A 139 13.08 -2.18 0.32
CA PHE A 139 12.87 -2.24 1.72
C PHE A 139 11.38 -2.21 2.01
N PHE A 140 10.58 -1.96 0.97
CA PHE A 140 9.14 -1.98 1.12
C PHE A 140 8.56 -3.27 1.75
N LYS A 141 9.11 -4.44 1.41
CA LYS A 141 8.59 -5.66 2.01
C LYS A 141 8.84 -5.83 3.50
N ASN A 142 9.73 -5.03 4.09
CA ASN A 142 9.98 -5.04 5.53
C ASN A 142 9.11 -4.02 6.23
N ALA A 143 8.97 -2.82 5.67
CA ALA A 143 8.22 -1.77 6.37
C ALA A 143 6.70 -1.80 6.19
N ALA A 144 6.25 -2.54 5.18
CA ALA A 144 4.85 -2.73 4.88
C ALA A 144 4.10 -3.32 6.05
N ASP A 145 4.82 -4.00 6.94
CA ASP A 145 4.22 -4.75 8.03
C ASP A 145 3.82 -3.79 9.13
N PRO A 146 2.51 -3.61 9.41
CA PRO A 146 2.19 -2.56 10.35
C PRO A 146 2.44 -3.02 11.82
N ASP A 147 2.83 -4.28 11.98
CA ASP A 147 3.12 -4.84 13.30
C ASP A 147 4.58 -4.76 13.60
N SER A 148 5.35 -4.14 12.71
CA SER A 148 6.79 -4.15 12.78
C SER A 148 7.29 -2.76 13.13
N PRO A 149 8.35 -2.69 13.97
CA PRO A 149 8.98 -1.43 14.40
C PRO A 149 9.50 -0.74 13.19
N LEU A 150 9.76 -1.51 12.14
CA LEU A 150 10.22 -0.97 10.86
C LEU A 150 9.20 -0.09 10.14
N SER A 151 7.94 -0.23 10.53
CA SER A 151 6.83 0.43 9.87
C SER A 151 6.75 1.93 10.19
N PRO A 152 6.37 2.74 9.24
CA PRO A 152 6.26 4.14 9.58
C PRO A 152 5.28 4.32 10.70
N PHE A 153 4.36 3.38 10.86
CA PHE A 153 3.24 3.60 11.78
C PHE A 153 3.56 3.19 13.20
N SER A 154 4.75 2.63 13.40
CA SER A 154 5.12 1.97 14.65
C SER A 154 5.36 2.99 15.72
N PRO A 155 5.14 2.59 16.96
CA PRO A 155 5.52 3.48 18.06
C PRO A 155 7.01 3.80 17.97
N GLU A 156 7.80 2.84 17.46
CA GLU A 156 9.20 3.10 17.19
C GLU A 156 9.52 4.25 16.18
N SER A 157 8.60 4.60 15.27
CA SER A 157 8.88 5.65 14.30
C SER A 157 8.24 6.95 14.78
N GLU A 158 7.82 6.94 16.03
CA GLU A 158 7.01 8.03 16.50
C GLU A 158 7.72 9.30 16.06
N HIS A 159 9.00 9.44 16.41
CA HIS A 159 9.66 10.73 16.16
C HIS A 159 9.60 11.20 14.72
N ALA A 160 9.92 10.35 13.74
CA ALA A 160 9.90 10.78 12.34
C ALA A 160 8.50 11.13 11.93
N ARG A 161 7.55 10.30 12.39
CA ARG A 161 6.12 10.55 12.17
C ARG A 161 5.60 11.89 12.65
N VAL A 162 5.83 12.20 13.93
CA VAL A 162 5.34 13.43 14.52
C VAL A 162 5.97 14.57 13.75
N GLU A 163 7.24 14.43 13.38
CA GLU A 163 7.92 15.52 12.72
C GLU A 163 7.30 15.72 11.35
N ALA A 164 6.95 14.61 10.71
CA ALA A 164 6.34 14.64 9.38
C ALA A 164 4.93 15.23 9.45
N ILE A 165 4.14 14.78 10.40
CA ILE A 165 2.78 15.28 10.57
C ILE A 165 2.84 16.76 10.91
N GLY A 166 3.82 17.14 11.73
CA GLY A 166 4.04 18.55 12.09
C GLY A 166 4.18 19.45 10.88
N ILE A 167 4.55 18.86 9.75
CA ILE A 167 4.70 19.69 8.57
C ILE A 167 3.31 19.92 8.02
N HIS A 168 2.44 18.92 8.15
CA HIS A 168 1.08 19.10 7.64
C HIS A 168 0.28 20.10 8.49
N ARG A 169 0.56 20.13 9.80
CA ARG A 169 0.06 21.20 10.70
C ARG A 169 0.43 22.55 10.21
N ALA A 170 1.69 22.74 9.79
CA ALA A 170 2.09 24.12 9.37
C ALA A 170 1.60 24.44 7.96
N VAL A 171 1.43 23.42 7.13
CA VAL A 171 0.76 23.58 5.83
C VAL A 171 -0.63 24.16 6.11
N LEU A 172 -1.35 23.48 7.01
CA LEU A 172 -2.64 23.96 7.47
C LEU A 172 -2.57 25.34 8.11
N ALA A 173 -1.86 25.50 9.23
CA ALA A 173 -1.87 26.73 10.07
C ALA A 173 -1.71 27.98 9.26
N GLY A 174 -0.69 28.00 8.41
CA GLY A 174 -0.39 29.16 7.58
C GLY A 174 -1.01 29.12 6.19
N ALA A 175 -2.15 28.43 6.03
CA ALA A 175 -2.92 28.54 4.78
C ALA A 175 -3.97 29.67 4.89
N LYS A 176 -4.43 30.24 3.79
CA LYS A 176 -5.41 31.32 3.91
C LYS A 176 -6.77 30.73 4.28
N THR A 177 -7.06 29.54 3.72
CA THR A 177 -8.28 28.78 3.98
C THR A 177 -8.34 28.46 5.46
N LYS A 178 -9.35 28.92 6.18
CA LYS A 178 -9.41 28.60 7.62
C LYS A 178 -10.02 27.21 7.78
N VAL A 179 -9.80 26.60 8.95
CA VAL A 179 -10.05 25.17 9.13
C VAL A 179 -10.75 24.79 10.45
N PRO A 180 -11.77 23.94 10.36
CA PRO A 180 -12.54 23.62 11.58
C PRO A 180 -11.73 23.07 12.77
N GLU A 181 -12.17 23.45 13.95
CA GLU A 181 -11.57 23.05 15.23
C GLU A 181 -11.56 21.56 15.55
N GLU A 182 -12.74 20.94 15.46
CA GLU A 182 -12.90 19.52 15.68
C GLU A 182 -12.10 18.65 14.65
N LEU A 183 -11.59 19.29 13.60
CA LEU A 183 -10.87 18.60 12.54
C LEU A 183 -9.40 18.91 12.55
N ARG A 184 -8.95 19.68 13.53
CA ARG A 184 -7.64 20.30 13.46
C ARG A 184 -6.56 19.28 13.69
N ASP A 185 -6.85 18.26 14.49
CA ASP A 185 -5.93 17.13 14.66
C ASP A 185 -6.12 16.06 13.59
N ILE A 186 -7.38 15.74 13.28
CA ILE A 186 -7.51 14.69 12.33
C ILE A 186 -7.03 15.03 10.91
N LEU A 187 -7.17 16.25 10.47
CA LEU A 187 -6.67 16.61 9.14
C LEU A 187 -5.17 16.46 8.92
N PRO A 188 -4.33 17.07 9.75
CA PRO A 188 -2.89 16.88 9.50
C PRO A 188 -2.54 15.43 9.41
N GLU A 189 -3.30 14.63 10.13
CA GLU A 189 -2.98 13.24 10.13
C GLU A 189 -3.49 12.57 8.86
N LEU A 190 -4.62 13.07 8.31
CA LEU A 190 -5.09 12.43 7.09
C LEU A 190 -4.19 12.83 5.92
N MSE A 191 -3.62 14.03 6.04
CA MSE A 191 -2.75 14.53 5.01
C MSE A 191 -1.47 13.72 5.01
O MSE A 191 -0.99 13.32 3.94
CB MSE A 191 -2.50 16.04 5.20
CG MSE A 191 -3.73 16.88 4.98
SE MSE A 191 -3.49 18.60 5.75
CE MSE A 191 -5.34 18.73 6.22
N TRP A 192 -0.95 13.45 6.22
CA TRP A 192 0.21 12.56 6.35
C TRP A 192 -0.11 11.14 5.79
N LEU A 193 -1.31 10.63 6.04
CA LEU A 193 -1.74 9.35 5.39
C LEU A 193 -1.63 9.39 3.88
N SER A 194 -2.12 10.47 3.26
CA SER A 194 -2.01 10.62 1.81
C SER A 194 -0.55 10.60 1.42
N GLN A 195 0.27 11.28 2.23
CA GLN A 195 1.65 11.32 1.90
C GLN A 195 2.20 9.90 1.83
N MSE A 196 1.74 9.06 2.76
CA MSE A 196 2.14 7.69 2.75
C MSE A 196 1.51 6.99 1.54
O MSE A 196 2.17 6.20 0.83
CB MSE A 196 1.76 7.04 4.09
CG MSE A 196 2.48 7.66 5.28
SE MSE A 196 4.44 7.49 5.11
CE MSE A 196 5.03 9.27 4.77
N GLY A 197 0.26 7.33 1.25
CA GLY A 197 -0.39 6.80 0.04
C GLY A 197 0.54 7.14 -1.09
N LEU A 198 1.09 8.35 -1.07
CA LEU A 198 1.93 8.80 -2.18
C LEU A 198 3.27 8.09 -2.19
N VAL A 199 3.88 7.93 -1.03
CA VAL A 199 5.12 7.17 -0.94
C VAL A 199 4.97 5.77 -1.55
N LEU A 200 3.85 5.13 -1.22
CA LEU A 200 3.54 3.79 -1.73
C LEU A 200 3.44 3.76 -3.27
N TYR A 201 2.75 4.74 -3.86
CA TYR A 201 2.65 4.86 -5.34
C TYR A 201 4.01 5.11 -5.98
N TRP A 202 4.74 6.06 -5.41
CA TRP A 202 6.10 6.37 -5.83
C TRP A 202 6.92 5.09 -5.89
N ILE A 203 6.87 4.27 -4.84
CA ILE A 203 7.67 3.06 -4.82
C ILE A 203 7.33 2.22 -6.03
N PHE A 204 6.06 2.25 -6.46
CA PHE A 204 5.63 1.30 -7.50
C PHE A 204 5.65 1.89 -8.88
N ASP A 205 5.89 3.20 -8.91
CA ASP A 205 5.96 3.96 -10.14
C ASP A 205 7.22 3.59 -10.91
N ARG A 206 7.05 3.17 -12.17
CA ARG A 206 8.22 2.90 -13.07
C ARG A 206 8.52 3.97 -14.16
N THR A 207 7.69 5.01 -14.27
CA THR A 207 7.87 6.09 -15.26
C THR A 207 9.19 6.82 -15.10
N GLU A 208 9.58 7.63 -16.10
CA GLU A 208 10.94 8.20 -16.17
C GLU A 208 11.50 8.85 -14.87
N GLY A 209 11.15 10.11 -14.62
CA GLY A 209 11.65 10.80 -13.45
C GLY A 209 10.88 10.41 -12.21
N ARG A 210 10.16 9.30 -12.31
CA ARG A 210 8.93 9.09 -11.56
C ARG A 210 7.95 10.27 -11.74
N GLU A 211 7.91 10.83 -12.95
CA GLU A 211 7.05 11.99 -13.25
C GLU A 211 5.53 11.73 -13.03
N ARG A 212 5.11 10.48 -13.22
CA ARG A 212 3.75 10.06 -12.93
C ARG A 212 3.41 10.31 -11.44
N SER A 213 4.37 10.06 -10.56
CA SER A 213 4.23 10.33 -9.13
C SER A 213 4.11 11.83 -8.87
N TYR A 214 4.91 12.62 -9.57
CA TYR A 214 4.89 14.07 -9.41
C TYR A 214 3.54 14.63 -9.78
N ARG A 215 2.90 13.93 -10.71
CA ARG A 215 1.62 14.32 -11.26
C ARG A 215 0.54 13.91 -10.24
N LEU A 216 0.80 12.82 -9.51
CA LEU A 216 -0.12 12.39 -8.44
C LEU A 216 -0.06 13.31 -7.24
N ALA A 217 1.14 13.80 -6.88
CA ALA A 217 1.25 14.68 -5.73
C ALA A 217 0.53 16.01 -6.01
N GLU A 218 0.57 16.41 -7.28
CA GLU A 218 -0.09 17.60 -7.73
C GLU A 218 -1.59 17.33 -7.77
N ARG A 219 -2.04 16.27 -8.44
CA ARG A 219 -3.51 16.08 -8.51
C ARG A 219 -4.18 15.76 -7.12
N GLY A 220 -3.50 14.92 -6.34
CA GLY A 220 -3.80 14.64 -4.91
C GLY A 220 -3.79 15.87 -4.00
N ALA A 221 -2.89 16.81 -4.24
CA ALA A 221 -2.93 18.04 -3.47
C ALA A 221 -4.21 18.82 -3.76
N ARG A 222 -4.64 18.80 -5.02
CA ARG A 222 -5.87 19.45 -5.46
C ARG A 222 -7.05 18.82 -4.73
N LEU A 223 -7.34 17.53 -4.98
CA LEU A 223 -8.45 16.82 -4.29
C LEU A 223 -8.50 17.11 -2.80
N THR A 224 -7.33 17.10 -2.17
CA THR A 224 -7.21 17.24 -0.73
C THR A 224 -7.54 18.62 -0.23
N ALA A 225 -7.09 19.66 -0.94
CA ALA A 225 -7.34 21.03 -0.52
C ALA A 225 -8.79 21.45 -0.75
N ARG A 226 -9.44 20.78 -1.71
CA ARG A 226 -10.87 20.85 -1.96
C ARG A 226 -11.57 20.08 -0.85
N GLY A 227 -10.98 18.95 -0.48
CA GLY A 227 -11.46 18.14 0.63
C GLY A 227 -11.51 18.91 1.93
N VAL A 228 -10.60 19.85 2.15
CA VAL A 228 -10.55 20.47 3.47
C VAL A 228 -11.45 21.66 3.46
N VAL A 229 -11.33 22.50 2.43
CA VAL A 229 -12.26 23.58 2.14
C VAL A 229 -13.72 23.12 2.29
N LEU A 230 -14.12 22.12 1.49
CA LEU A 230 -15.41 21.43 1.61
C LEU A 230 -15.76 20.85 2.98
N ALA A 231 -14.82 20.29 3.74
CA ALA A 231 -15.12 19.94 5.16
C ALA A 231 -15.55 21.15 6.06
N ARG A 232 -15.61 22.33 5.49
CA ARG A 232 -16.20 23.49 6.16
C ARG A 232 -17.72 23.32 6.36
N PHE A 233 -18.31 22.46 5.52
CA PHE A 233 -19.72 22.09 5.61
C PHE A 233 -19.82 20.84 6.47
N ARG A 234 -20.96 20.65 7.10
CA ARG A 234 -21.12 19.70 8.17
C ARG A 234 -21.54 18.33 7.67
N VAL A 235 -21.97 18.28 6.41
CA VAL A 235 -22.39 17.04 5.77
C VAL A 235 -21.18 16.16 5.60
N LEU A 236 -20.05 16.79 5.31
CA LEU A 236 -18.86 16.05 4.97
C LEU A 236 -18.10 15.51 6.19
N ARG A 237 -17.93 16.32 7.24
CA ARG A 237 -17.16 15.95 8.45
C ARG A 237 -17.34 14.55 9.05
N PRO A 238 -18.56 14.06 9.17
CA PRO A 238 -18.54 12.66 9.68
C PRO A 238 -17.72 11.65 8.82
N LEU A 239 -17.74 11.79 7.52
CA LEU A 239 -17.01 10.87 6.72
C LEU A 239 -15.51 11.09 6.98
N VAL A 240 -15.13 12.35 7.22
CA VAL A 240 -13.75 12.64 7.53
C VAL A 240 -13.44 11.96 8.85
N ARG A 241 -14.28 12.17 9.87
CA ARG A 241 -14.03 11.51 11.14
C ARG A 241 -13.93 10.02 10.91
N GLU A 242 -14.87 9.44 10.18
CA GLU A 242 -14.95 7.99 10.10
C GLU A 242 -13.76 7.41 9.32
N VAL A 243 -13.32 8.12 8.30
CA VAL A 243 -12.08 7.67 7.64
C VAL A 243 -10.89 7.75 8.62
N HIS A 244 -10.82 8.81 9.43
CA HIS A 244 -9.72 8.82 10.35
C HIS A 244 -9.89 7.79 11.43
N GLU A 245 -11.11 7.40 11.70
CA GLU A 245 -11.28 6.30 12.61
C GLU A 245 -10.86 4.89 12.05
N LEU A 246 -10.99 4.68 10.73
CA LEU A 246 -10.70 3.38 10.22
C LEU A 246 -9.23 3.20 10.36
N PHE A 247 -8.48 4.28 10.21
CA PHE A 247 -7.02 4.15 10.17
C PHE A 247 -6.44 4.11 11.54
N THR A 248 -6.98 4.88 12.44
CA THR A 248 -6.52 4.87 13.80
C THR A 248 -6.84 3.52 14.51
N ASP A 249 -7.90 2.82 14.11
CA ASP A 249 -8.21 1.50 14.68
C ASP A 249 -7.31 0.38 14.15
N PHE A 250 -6.85 0.48 12.91
CA PHE A 250 -6.33 -0.68 12.30
C PHE A 250 -4.87 -0.55 12.03
N LEU A 251 -4.32 0.58 12.33
CA LEU A 251 -2.94 0.82 12.11
C LEU A 251 -2.51 1.55 13.40
N PRO A 252 -1.29 1.29 13.89
CA PRO A 252 -0.80 2.03 15.05
C PRO A 252 -0.40 3.38 14.58
N GLY A 253 -0.08 4.29 15.50
CA GLY A 253 0.47 5.58 15.17
C GLY A 253 -0.39 6.82 15.06
N MSE A 254 -1.72 6.74 14.92
CA MSE A 254 -2.60 7.93 14.91
C MSE A 254 -3.14 8.20 16.29
O MSE A 254 -3.06 7.31 17.14
CB MSE A 254 -3.84 7.74 14.06
CG MSE A 254 -3.75 6.77 12.92
SE MSE A 254 -2.59 7.27 11.49
CE MSE A 254 -2.97 9.15 11.30
N THR A 255 -3.74 9.39 16.49
CA THR A 255 -4.31 9.76 17.80
C THR A 255 -5.58 8.97 18.05
N LYS A 256 -5.80 8.56 19.30
CA LYS A 256 -7.07 7.95 19.73
C LYS A 256 -8.34 8.79 19.47
N VAL A 257 -9.48 8.05 19.34
CA VAL A 257 -10.86 8.61 19.18
C VAL A 257 -11.26 9.67 20.21
N LYS B 38 -4.15 -33.74 -22.85
CA LYS B 38 -4.64 -32.57 -23.64
C LYS B 38 -3.99 -31.33 -23.07
N SER B 39 -3.34 -30.53 -23.90
CA SER B 39 -2.49 -29.40 -23.42
C SER B 39 -3.24 -28.55 -22.43
N GLU B 40 -4.45 -28.15 -22.82
CA GLU B 40 -5.28 -27.31 -21.99
C GLU B 40 -5.52 -28.03 -20.64
N GLN B 41 -5.34 -29.36 -20.63
CA GLN B 41 -5.65 -30.22 -19.48
C GLN B 41 -4.42 -30.69 -18.66
N THR B 42 -3.35 -31.12 -19.32
CA THR B 42 -2.14 -31.42 -18.56
C THR B 42 -1.47 -30.13 -18.04
N ARG B 43 -1.89 -29.01 -18.60
CA ARG B 43 -1.51 -27.71 -18.08
C ARG B 43 -2.03 -27.54 -16.62
N ALA B 44 -3.34 -27.68 -16.42
CA ALA B 44 -3.90 -27.57 -15.08
C ALA B 44 -3.34 -28.62 -14.12
N LEU B 45 -2.92 -29.77 -14.64
CA LEU B 45 -2.21 -30.74 -13.82
C LEU B 45 -0.97 -30.13 -13.17
N ILE B 46 -0.11 -29.55 -14.00
CA ILE B 46 1.15 -28.94 -13.56
C ILE B 46 0.96 -27.73 -12.63
N LEU B 47 0.02 -26.84 -12.97
CA LEU B 47 -0.31 -25.73 -12.10
C LEU B 47 -0.60 -26.29 -10.72
N GLU B 48 -1.31 -27.41 -10.68
CA GLU B 48 -1.75 -27.96 -9.42
C GLU B 48 -0.60 -28.54 -8.63
N THR B 49 0.31 -29.24 -9.31
CA THR B 49 1.43 -29.90 -8.61
C THR B 49 2.42 -28.85 -8.08
N ALA B 50 2.52 -27.74 -8.79
CA ALA B 50 3.37 -26.62 -8.39
C ALA B 50 2.72 -25.88 -7.21
N MSE B 51 1.43 -25.55 -7.34
CA MSE B 51 0.71 -24.86 -6.29
C MSE B 51 0.92 -25.57 -4.95
O MSE B 51 1.35 -24.94 -3.96
CB MSE B 51 -0.79 -24.76 -6.61
CG MSE B 51 -1.19 -23.54 -7.45
SE MSE B 51 -3.00 -23.77 -8.27
CE MSE B 51 -4.14 -23.56 -6.66
N ARG B 52 0.66 -26.88 -4.91
CA ARG B 52 0.86 -27.66 -3.70
C ARG B 52 2.34 -27.82 -3.33
N LEU B 53 3.25 -27.64 -4.31
CA LEU B 53 4.67 -27.90 -4.07
C LEU B 53 5.32 -26.78 -3.30
N PHE B 54 5.08 -25.54 -3.72
CA PHE B 54 5.73 -24.46 -3.04
C PHE B 54 5.03 -24.01 -1.77
N GLN B 55 3.81 -24.50 -1.59
CA GLN B 55 3.07 -24.42 -0.33
C GLN B 55 3.84 -25.22 0.72
N GLU B 56 4.19 -26.44 0.35
CA GLU B 56 4.98 -27.31 1.21
C GLU B 56 6.44 -26.84 1.27
N ARG B 57 6.98 -26.26 0.20
CA ARG B 57 8.41 -25.90 0.21
C ARG B 57 8.88 -24.43 0.28
N GLY B 58 8.05 -23.49 -0.19
CA GLY B 58 8.48 -22.11 -0.45
C GLY B 58 8.63 -21.92 -1.96
N TYR B 59 8.02 -20.88 -2.49
CA TYR B 59 8.31 -20.44 -3.85
C TYR B 59 9.81 -20.44 -4.17
N ASP B 60 10.64 -19.91 -3.28
CA ASP B 60 12.08 -19.82 -3.54
C ASP B 60 12.85 -21.12 -3.76
N ARG B 61 12.83 -22.04 -2.82
CA ARG B 61 13.58 -23.29 -3.02
C ARG B 61 12.79 -24.36 -3.80
N THR B 62 11.95 -23.91 -4.72
CA THR B 62 11.19 -24.79 -5.62
C THR B 62 11.51 -24.55 -7.12
N THR B 63 11.95 -25.62 -7.77
CA THR B 63 12.53 -25.52 -9.06
C THR B 63 11.51 -26.04 -10.04
N MSE B 64 11.55 -25.46 -11.24
CA MSE B 64 10.79 -26.02 -12.36
C MSE B 64 11.05 -27.50 -12.48
O MSE B 64 10.17 -28.26 -12.80
CB MSE B 64 11.15 -25.30 -13.64
CG MSE B 64 10.59 -23.90 -13.63
SE MSE B 64 8.71 -23.83 -14.14
CE MSE B 64 8.11 -25.65 -14.05
N ARG B 65 12.29 -27.89 -12.21
CA ARG B 65 12.69 -29.23 -12.38
C ARG B 65 11.95 -30.14 -11.38
N ALA B 66 11.72 -29.66 -10.14
CA ALA B 66 11.06 -30.52 -9.13
C ALA B 66 9.61 -30.71 -9.53
N ILE B 67 9.03 -29.60 -9.97
CA ILE B 67 7.68 -29.56 -10.48
C ILE B 67 7.52 -30.56 -11.64
N ALA B 68 8.42 -30.50 -12.62
CA ALA B 68 8.41 -31.44 -13.76
C ALA B 68 8.50 -32.88 -13.27
N GLN B 69 9.52 -33.15 -12.46
CA GLN B 69 9.75 -34.46 -11.87
C GLN B 69 8.53 -35.02 -11.16
N GLU B 70 8.00 -34.26 -10.22
CA GLU B 70 6.83 -34.68 -9.44
C GLU B 70 5.60 -34.81 -10.31
N ALA B 71 5.59 -34.12 -11.43
CA ALA B 71 4.41 -34.03 -12.29
C ALA B 71 4.32 -35.17 -13.32
N GLY B 72 5.46 -35.78 -13.66
CA GLY B 72 5.52 -36.92 -14.58
C GLY B 72 5.66 -36.43 -16.00
N VAL B 73 6.56 -35.50 -16.19
CA VAL B 73 6.54 -34.65 -17.36
C VAL B 73 7.95 -34.14 -17.54
N SER B 74 8.44 -34.17 -18.76
CA SER B 74 9.79 -33.71 -19.00
C SER B 74 9.91 -32.23 -18.63
N VAL B 75 11.12 -31.84 -18.28
CA VAL B 75 11.38 -30.46 -17.99
C VAL B 75 10.93 -29.58 -19.15
N GLY B 76 11.24 -29.99 -20.39
CA GLY B 76 10.85 -29.24 -21.57
C GLY B 76 9.36 -29.03 -21.77
N ASN B 77 8.57 -30.06 -21.62
CA ASN B 77 7.13 -29.93 -21.50
C ASN B 77 6.73 -28.91 -20.41
N ALA B 78 7.20 -29.05 -19.17
CA ALA B 78 6.87 -28.08 -18.10
C ALA B 78 7.09 -26.70 -18.63
N TYR B 79 8.26 -26.44 -19.21
CA TYR B 79 8.44 -25.06 -19.76
C TYR B 79 7.51 -24.73 -20.91
N TYR B 80 7.12 -25.69 -21.70
CA TYR B 80 6.12 -25.38 -22.70
C TYR B 80 4.82 -24.80 -22.16
N TYR B 81 4.36 -25.27 -21.00
CA TYR B 81 3.09 -24.79 -20.48
C TYR B 81 3.32 -23.57 -19.66
N PHE B 82 4.48 -23.46 -19.00
CA PHE B 82 4.77 -22.26 -18.24
C PHE B 82 6.21 -21.87 -18.47
N ALA B 83 6.48 -20.75 -19.13
CA ALA B 83 7.86 -20.27 -19.32
C ALA B 83 8.44 -19.80 -18.00
N GLY B 84 8.75 -20.76 -17.10
CA GLY B 84 9.31 -20.44 -15.78
C GLY B 84 8.39 -20.10 -14.60
N LYS B 85 8.98 -19.92 -13.43
CA LYS B 85 8.20 -19.90 -12.19
C LYS B 85 7.12 -18.79 -12.06
N GLU B 86 7.36 -17.59 -12.58
CA GLU B 86 6.38 -16.51 -12.40
C GLU B 86 5.12 -16.72 -13.21
N HIS B 87 5.23 -17.38 -14.36
CA HIS B 87 4.04 -17.73 -15.11
C HIS B 87 3.11 -18.73 -14.42
N LEU B 88 3.66 -19.58 -13.54
CA LEU B 88 2.81 -20.35 -12.64
C LEU B 88 2.07 -19.45 -11.63
N ILE B 89 2.73 -18.42 -11.12
CA ILE B 89 2.07 -17.56 -10.18
C ILE B 89 0.95 -16.85 -10.87
N GLN B 90 1.22 -16.20 -11.99
CA GLN B 90 0.12 -15.70 -12.84
C GLN B 90 -1.06 -16.69 -12.90
N GLY B 91 -0.79 -17.94 -13.24
CA GLY B 91 -1.87 -18.92 -13.42
C GLY B 91 -2.53 -19.31 -12.12
N PHE B 92 -1.84 -19.04 -11.04
CA PHE B 92 -2.37 -19.22 -9.71
C PHE B 92 -3.30 -18.05 -9.34
N TYR B 93 -2.83 -16.81 -9.55
CA TYR B 93 -3.66 -15.59 -9.39
C TYR B 93 -4.95 -15.79 -10.17
N ASP B 94 -4.84 -15.79 -11.50
CA ASP B 94 -5.94 -16.21 -12.37
C ASP B 94 -6.85 -17.28 -11.73
N ARG B 95 -6.27 -18.37 -11.25
CA ARG B 95 -7.03 -19.47 -10.66
C ARG B 95 -7.75 -19.00 -9.39
N ILE B 96 -7.03 -18.35 -8.50
CA ILE B 96 -7.67 -17.75 -7.34
C ILE B 96 -8.78 -16.74 -7.66
N ALA B 97 -8.57 -15.86 -8.63
CA ALA B 97 -9.56 -14.87 -9.01
C ALA B 97 -10.84 -15.61 -9.34
N ALA B 98 -10.73 -16.59 -10.22
CA ALA B 98 -11.88 -17.35 -10.71
C ALA B 98 -12.59 -18.19 -9.65
N GLU B 99 -11.95 -18.40 -8.51
CA GLU B 99 -12.54 -19.22 -7.45
C GLU B 99 -13.36 -18.32 -6.58
N HIS B 100 -12.77 -17.16 -6.33
CA HIS B 100 -13.40 -16.02 -5.69
C HIS B 100 -14.73 -15.68 -6.37
N ARG B 101 -14.72 -15.66 -7.70
CA ARG B 101 -15.83 -15.21 -8.51
C ARG B 101 -16.99 -16.22 -8.45
N ALA B 102 -16.70 -17.43 -8.01
CA ALA B 102 -17.74 -18.48 -7.92
C ALA B 102 -18.43 -18.48 -6.54
N ALA B 103 -17.63 -18.29 -5.48
CA ALA B 103 -18.13 -18.35 -4.12
C ALA B 103 -18.95 -17.09 -3.77
N VAL B 104 -19.06 -16.16 -4.72
CA VAL B 104 -19.85 -14.96 -4.45
C VAL B 104 -21.22 -15.05 -5.14
N ARG B 105 -21.47 -16.15 -5.85
CA ARG B 105 -22.87 -16.48 -6.28
C ARG B 105 -23.87 -16.27 -5.11
N GLU B 106 -23.71 -17.12 -4.09
CA GLU B 106 -24.52 -17.16 -2.86
C GLU B 106 -24.70 -15.79 -2.20
N VAL B 107 -23.60 -15.05 -2.02
CA VAL B 107 -23.69 -13.69 -1.47
C VAL B 107 -24.37 -12.66 -2.37
N LEU B 108 -24.10 -12.68 -3.67
CA LEU B 108 -24.70 -11.71 -4.56
C LEU B 108 -26.16 -12.04 -4.79
N ALA B 109 -26.58 -13.25 -4.40
CA ALA B 109 -27.96 -13.73 -4.62
C ALA B 109 -28.94 -13.13 -3.61
N ARG B 110 -28.56 -13.08 -2.33
CA ARG B 110 -29.44 -12.45 -1.30
C ARG B 110 -28.92 -11.19 -0.55
N GLU B 111 -28.11 -10.37 -1.22
CA GLU B 111 -27.87 -9.02 -0.74
C GLU B 111 -28.13 -7.99 -1.82
N THR B 112 -29.01 -7.05 -1.51
CA THR B 112 -29.44 -6.03 -2.46
C THR B 112 -28.63 -4.73 -2.33
N ASP B 113 -28.41 -4.30 -1.09
CA ASP B 113 -27.73 -3.02 -0.79
C ASP B 113 -26.20 -3.14 -0.96
N LEU B 114 -25.55 -2.03 -1.25
CA LEU B 114 -24.10 -2.00 -1.49
C LEU B 114 -23.27 -2.59 -0.34
N GLU B 115 -23.28 -1.96 0.82
CA GLU B 115 -22.53 -2.45 1.98
C GLU B 115 -22.52 -4.00 2.12
N ALA B 116 -23.68 -4.61 2.25
CA ALA B 116 -23.71 -6.07 2.38
C ALA B 116 -23.11 -6.80 1.15
N ARG B 117 -23.26 -6.22 -0.05
CA ARG B 117 -22.67 -6.81 -1.27
C ARG B 117 -21.15 -6.82 -1.14
N LEU B 118 -20.53 -5.64 -1.15
CA LEU B 118 -19.11 -5.51 -0.93
C LEU B 118 -18.61 -6.37 0.21
N ALA B 119 -19.22 -6.21 1.40
CA ALA B 119 -18.69 -6.83 2.59
C ALA B 119 -18.57 -8.34 2.44
N GLY B 120 -19.59 -8.97 1.85
CA GLY B 120 -19.61 -10.43 1.71
C GLY B 120 -18.52 -10.91 0.75
N VAL B 121 -18.36 -10.16 -0.32
CA VAL B 121 -17.41 -10.44 -1.37
C VAL B 121 -16.00 -10.37 -0.82
N LEU B 122 -15.69 -9.34 -0.03
CA LEU B 122 -14.42 -9.29 0.67
C LEU B 122 -14.26 -10.44 1.68
N LYS B 123 -15.31 -10.80 2.41
CA LYS B 123 -15.28 -11.98 3.33
C LYS B 123 -15.09 -13.29 2.63
N VAL B 124 -15.80 -13.46 1.50
CA VAL B 124 -15.62 -14.64 0.75
C VAL B 124 -14.18 -14.67 0.28
N TRP B 125 -13.63 -13.53 -0.13
CA TRP B 125 -12.21 -13.51 -0.54
C TRP B 125 -11.32 -14.10 0.55
N LEU B 126 -11.34 -13.46 1.72
CA LEU B 126 -10.65 -13.91 2.92
C LEU B 126 -10.76 -15.42 3.20
N ASP B 127 -11.97 -15.98 3.01
CA ASP B 127 -12.30 -17.41 3.27
C ASP B 127 -11.55 -18.34 2.38
N ILE B 128 -11.36 -17.92 1.15
CA ILE B 128 -10.71 -18.79 0.24
C ILE B 128 -9.21 -18.52 0.22
N ALA B 129 -8.79 -17.36 0.67
CA ALA B 129 -7.37 -17.13 0.85
C ALA B 129 -6.84 -17.87 2.09
N THR B 130 -7.68 -18.04 3.11
CA THR B 130 -7.32 -18.68 4.37
C THR B 130 -6.27 -19.83 4.25
N PRO B 131 -6.55 -20.88 3.46
CA PRO B 131 -5.56 -21.96 3.38
C PRO B 131 -4.22 -21.54 2.80
N TYR B 132 -4.14 -20.41 2.15
CA TYR B 132 -2.91 -20.05 1.46
C TYR B 132 -2.08 -19.06 2.29
N HIS B 133 -2.41 -18.92 3.57
CA HIS B 133 -1.92 -17.77 4.33
C HIS B 133 -0.46 -17.85 4.66
N GLU B 134 0.02 -19.00 5.15
CA GLU B 134 1.46 -19.26 5.38
C GLU B 134 2.26 -19.10 4.12
N PHE B 135 1.73 -19.60 3.01
CA PHE B 135 2.35 -19.34 1.73
C PHE B 135 2.38 -17.82 1.44
N ALA B 136 1.27 -17.13 1.56
CA ALA B 136 1.31 -15.71 1.28
C ALA B 136 2.36 -15.02 2.14
N VAL B 137 2.57 -15.45 3.37
CA VAL B 137 3.56 -14.76 4.20
C VAL B 137 4.97 -15.02 3.67
N GLN B 138 5.33 -16.29 3.42
CA GLN B 138 6.62 -16.54 2.77
C GLN B 138 6.63 -15.85 1.40
N PHE B 139 5.66 -16.13 0.55
CA PHE B 139 5.66 -15.56 -0.80
C PHE B 139 5.60 -14.03 -0.82
N PHE B 140 5.30 -13.43 0.32
CA PHE B 140 5.09 -12.00 0.26
C PHE B 140 6.29 -11.28 -0.29
N LYS B 141 7.48 -11.62 0.20
CA LYS B 141 8.70 -10.89 -0.17
C LYS B 141 9.07 -10.98 -1.69
N ASN B 142 8.63 -12.05 -2.36
CA ASN B 142 8.73 -12.13 -3.82
C ASN B 142 7.76 -11.19 -4.56
N ALA B 143 6.49 -11.22 -4.17
CA ALA B 143 5.42 -10.54 -4.88
C ALA B 143 5.42 -9.08 -4.59
N ALA B 144 6.16 -8.69 -3.55
CA ALA B 144 6.14 -7.31 -3.05
C ALA B 144 7.25 -6.47 -3.70
N ASP B 145 8.03 -7.13 -4.54
CA ASP B 145 9.03 -6.48 -5.37
C ASP B 145 8.32 -5.71 -6.47
N PRO B 146 8.19 -4.39 -6.31
CA PRO B 146 7.63 -3.53 -7.38
C PRO B 146 7.92 -3.99 -8.81
N ASP B 147 9.20 -4.19 -9.16
CA ASP B 147 9.57 -4.43 -10.57
C ASP B 147 9.53 -5.89 -10.96
N SER B 148 8.86 -6.70 -10.15
CA SER B 148 8.68 -8.10 -10.49
C SER B 148 7.32 -8.35 -11.13
N PRO B 149 7.25 -9.23 -12.12
CA PRO B 149 5.97 -9.64 -12.71
C PRO B 149 4.97 -10.10 -11.66
N LEU B 150 5.46 -10.79 -10.62
CA LEU B 150 4.61 -11.19 -9.48
C LEU B 150 3.70 -10.06 -8.86
N SER B 151 4.22 -8.84 -8.69
CA SER B 151 3.41 -7.72 -8.17
C SER B 151 2.07 -7.61 -8.87
N PRO B 152 0.95 -7.60 -8.09
CA PRO B 152 -0.41 -7.55 -8.63
C PRO B 152 -0.67 -6.32 -9.44
N PHE B 153 0.31 -5.41 -9.46
CA PHE B 153 0.22 -4.17 -10.24
C PHE B 153 1.05 -4.22 -11.56
N SER B 154 2.08 -5.06 -11.61
CA SER B 154 2.78 -5.36 -12.87
C SER B 154 1.82 -5.52 -14.05
N PRO B 155 2.31 -5.36 -15.29
CA PRO B 155 1.54 -5.67 -16.53
C PRO B 155 1.22 -7.16 -16.78
N GLU B 156 2.06 -8.03 -16.25
CA GLU B 156 1.79 -9.46 -16.34
C GLU B 156 0.48 -9.73 -15.60
N SER B 157 0.32 -9.09 -14.45
CA SER B 157 -0.83 -9.38 -13.61
C SER B 157 -2.12 -8.82 -14.24
N GLU B 158 -2.01 -8.15 -15.39
CA GLU B 158 -3.16 -7.43 -15.95
C GLU B 158 -4.41 -8.28 -15.95
N HIS B 159 -4.31 -9.47 -16.56
CA HIS B 159 -5.48 -10.30 -16.72
C HIS B 159 -6.17 -10.61 -15.43
N ALA B 160 -5.41 -10.65 -14.34
CA ALA B 160 -6.00 -10.89 -13.03
C ALA B 160 -6.63 -9.63 -12.42
N ARG B 161 -6.12 -8.45 -12.75
CA ARG B 161 -6.75 -7.21 -12.27
C ARG B 161 -8.12 -7.10 -12.92
N VAL B 162 -8.16 -7.20 -14.27
CA VAL B 162 -9.40 -6.91 -14.99
C VAL B 162 -10.45 -7.88 -14.46
N GLU B 163 -10.02 -9.14 -14.28
CA GLU B 163 -10.87 -10.17 -13.71
C GLU B 163 -11.49 -9.72 -12.40
N ALA B 164 -10.66 -9.25 -11.49
CA ALA B 164 -11.07 -8.98 -10.11
C ALA B 164 -11.94 -7.73 -9.97
N ILE B 165 -11.69 -6.78 -10.86
CA ILE B 165 -12.44 -5.54 -10.96
C ILE B 165 -13.82 -5.87 -11.44
N GLY B 166 -13.87 -6.82 -12.38
CA GLY B 166 -15.11 -7.41 -12.82
C GLY B 166 -16.04 -7.70 -11.65
N ILE B 167 -15.54 -8.37 -10.60
CA ILE B 167 -16.42 -8.70 -9.46
C ILE B 167 -17.01 -7.42 -8.83
N HIS B 168 -16.17 -6.39 -8.82
CA HIS B 168 -16.55 -5.12 -8.29
C HIS B 168 -17.55 -4.43 -9.24
N ARG B 169 -17.51 -4.80 -10.52
CA ARG B 169 -18.58 -4.40 -11.43
C ARG B 169 -19.88 -5.09 -11.00
N ALA B 170 -19.82 -6.38 -10.73
CA ALA B 170 -20.99 -7.13 -10.30
C ALA B 170 -21.62 -6.58 -9.02
N VAL B 171 -20.79 -6.19 -8.04
CA VAL B 171 -21.31 -5.81 -6.74
C VAL B 171 -22.23 -4.59 -6.82
N LEU B 172 -21.88 -3.59 -7.61
CA LEU B 172 -22.77 -2.43 -7.75
C LEU B 172 -23.80 -2.56 -8.87
N ALA B 173 -23.35 -2.85 -10.10
CA ALA B 173 -24.26 -3.00 -11.26
C ALA B 173 -25.59 -3.69 -10.90
N GLY B 174 -25.57 -4.49 -9.83
CA GLY B 174 -26.76 -5.18 -9.31
C GLY B 174 -27.12 -4.84 -7.87
N ALA B 175 -26.70 -3.68 -7.39
CA ALA B 175 -27.04 -3.26 -6.04
C ALA B 175 -28.13 -2.23 -6.11
N LYS B 176 -29.29 -2.57 -5.54
CA LYS B 176 -30.38 -1.63 -5.54
C LYS B 176 -30.14 -0.59 -4.45
N THR B 177 -29.11 0.22 -4.67
CA THR B 177 -28.75 1.32 -3.79
C THR B 177 -28.24 2.43 -4.72
N LYS B 178 -28.74 3.64 -4.52
CA LYS B 178 -28.45 4.78 -5.41
C LYS B 178 -26.95 5.09 -5.50
N VAL B 179 -26.42 5.21 -6.72
CA VAL B 179 -25.00 5.50 -6.95
C VAL B 179 -24.83 6.51 -8.08
N PRO B 180 -24.31 7.73 -7.77
CA PRO B 180 -24.15 8.82 -8.74
C PRO B 180 -23.27 8.51 -9.97
N GLU B 181 -23.72 8.93 -11.16
CA GLU B 181 -23.04 8.64 -12.45
C GLU B 181 -21.53 8.94 -12.45
N GLU B 182 -21.18 10.08 -11.86
CA GLU B 182 -19.80 10.55 -11.75
C GLU B 182 -18.87 9.52 -11.07
N LEU B 183 -19.46 8.69 -10.22
CA LEU B 183 -18.79 7.70 -9.39
C LEU B 183 -18.82 6.30 -10.01
N ARG B 184 -19.97 5.94 -10.58
CA ARG B 184 -20.21 4.62 -11.20
C ARG B 184 -19.02 4.13 -12.01
N ASP B 185 -18.32 5.07 -12.66
CA ASP B 185 -17.22 4.67 -13.54
C ASP B 185 -15.89 4.28 -12.91
N ILE B 186 -15.69 4.56 -11.62
CA ILE B 186 -14.40 4.27 -10.99
C ILE B 186 -14.50 3.48 -9.71
N LEU B 187 -15.65 3.54 -9.04
CA LEU B 187 -15.85 2.74 -7.83
C LEU B 187 -15.23 1.34 -7.95
N PRO B 188 -15.65 0.53 -8.96
CA PRO B 188 -14.96 -0.72 -9.26
C PRO B 188 -13.51 -0.66 -8.89
N GLU B 189 -12.76 0.22 -9.56
CA GLU B 189 -11.30 0.34 -9.40
C GLU B 189 -10.85 0.67 -7.97
N LEU B 190 -11.57 1.60 -7.33
CA LEU B 190 -11.33 1.97 -5.95
C LEU B 190 -11.64 0.81 -5.01
N MSE B 191 -12.75 0.14 -5.23
CA MSE B 191 -13.07 -1.01 -4.44
C MSE B 191 -11.99 -2.07 -4.59
O MSE B 191 -11.52 -2.63 -3.60
CB MSE B 191 -14.43 -1.54 -4.82
CG MSE B 191 -15.52 -0.55 -4.53
SE MSE B 191 -17.20 -1.07 -5.41
CE MSE B 191 -18.29 -0.94 -3.82
N TRP B 192 -11.58 -2.34 -5.82
CA TRP B 192 -10.47 -3.25 -6.06
C TRP B 192 -9.22 -2.84 -5.31
N LEU B 193 -8.95 -1.54 -5.24
CA LEU B 193 -7.82 -1.07 -4.49
C LEU B 193 -7.95 -1.43 -3.02
N SER B 194 -9.13 -1.19 -2.47
CA SER B 194 -9.44 -1.50 -1.08
C SER B 194 -9.10 -2.91 -0.86
N GLN B 195 -9.47 -3.75 -1.82
CA GLN B 195 -9.25 -5.15 -1.68
C GLN B 195 -7.74 -5.49 -1.65
N MSE B 196 -6.90 -4.73 -2.37
CA MSE B 196 -5.44 -4.98 -2.29
C MSE B 196 -4.94 -4.52 -0.89
O MSE B 196 -4.09 -5.21 -0.28
CB MSE B 196 -4.66 -4.29 -3.41
CG MSE B 196 -4.91 -4.80 -4.79
SE MSE B 196 -4.69 -6.74 -4.97
CE MSE B 196 -6.47 -7.39 -4.48
N GLY B 197 -5.47 -3.40 -0.39
CA GLY B 197 -5.19 -2.93 0.94
C GLY B 197 -5.47 -4.05 1.91
N LEU B 198 -6.61 -4.71 1.70
CA LEU B 198 -7.03 -5.69 2.63
C LEU B 198 -6.14 -6.94 2.51
N VAL B 199 -5.71 -7.30 1.30
CA VAL B 199 -4.73 -8.39 1.13
C VAL B 199 -3.44 -8.07 1.88
N LEU B 200 -2.94 -6.87 1.72
CA LEU B 200 -1.74 -6.52 2.38
C LEU B 200 -1.97 -6.70 3.90
N TYR B 201 -2.99 -6.04 4.42
CA TYR B 201 -3.28 -6.09 5.83
C TYR B 201 -3.39 -7.57 6.25
N TRP B 202 -3.97 -8.41 5.41
CA TRP B 202 -4.28 -9.77 5.83
C TRP B 202 -3.03 -10.63 5.91
N ILE B 203 -2.00 -10.30 5.14
CA ILE B 203 -0.76 -11.07 5.19
C ILE B 203 -0.23 -10.81 6.57
N PHE B 204 -0.39 -9.62 7.10
CA PHE B 204 0.27 -9.30 8.36
C PHE B 204 -0.59 -9.34 9.59
N ASP B 205 -1.84 -9.79 9.43
CA ASP B 205 -2.76 -9.85 10.55
C ASP B 205 -2.41 -11.08 11.35
N ARG B 206 -1.88 -10.83 12.53
CA ARG B 206 -1.53 -11.93 13.44
C ARG B 206 -2.65 -12.32 14.44
N THR B 207 -3.81 -11.65 14.40
CA THR B 207 -4.92 -12.01 15.31
C THR B 207 -5.48 -13.41 15.02
N GLU B 208 -6.14 -14.01 16.02
CA GLU B 208 -6.77 -15.37 15.88
C GLU B 208 -7.77 -15.54 14.75
N GLY B 209 -7.47 -16.52 13.92
CA GLY B 209 -8.20 -16.78 12.69
C GLY B 209 -8.37 -15.58 11.82
N ARG B 210 -7.49 -14.59 11.99
CA ARG B 210 -7.62 -13.31 11.31
C ARG B 210 -8.87 -12.54 11.60
N GLU B 211 -9.42 -12.70 12.79
CA GLU B 211 -10.52 -11.86 13.25
C GLU B 211 -10.45 -10.48 12.60
N ARG B 212 -9.30 -9.82 12.73
CA ARG B 212 -9.22 -8.36 12.46
C ARG B 212 -9.40 -7.99 10.98
N SER B 213 -8.84 -8.80 10.10
CA SER B 213 -9.03 -8.61 8.67
C SER B 213 -10.51 -8.60 8.33
N TYR B 214 -11.21 -9.62 8.81
CA TYR B 214 -12.62 -9.76 8.56
C TYR B 214 -13.38 -8.59 9.14
N ARG B 215 -12.92 -8.09 10.29
CA ARG B 215 -13.42 -6.79 10.74
C ARG B 215 -13.10 -5.66 9.76
N LEU B 216 -11.90 -5.67 9.21
CA LEU B 216 -11.51 -4.59 8.32
C LEU B 216 -12.40 -4.55 7.08
N ALA B 217 -12.63 -5.72 6.47
CA ALA B 217 -13.55 -5.80 5.35
C ALA B 217 -14.87 -5.18 5.73
N GLU B 218 -15.42 -5.57 6.87
CA GLU B 218 -16.69 -5.01 7.28
C GLU B 218 -16.66 -3.50 7.40
N ARG B 219 -15.71 -2.95 8.14
CA ARG B 219 -15.60 -1.52 8.30
C ARG B 219 -15.37 -0.80 6.99
N GLY B 220 -14.41 -1.32 6.20
CA GLY B 220 -14.17 -0.89 4.83
C GLY B 220 -15.41 -0.83 3.99
N ALA B 221 -16.24 -1.86 3.98
CA ALA B 221 -17.47 -1.76 3.23
C ALA B 221 -18.43 -0.68 3.79
N ARG B 222 -18.44 -0.50 5.11
CA ARG B 222 -19.42 0.39 5.67
C ARG B 222 -18.98 1.76 5.23
N LEU B 223 -17.68 1.99 5.30
CA LEU B 223 -17.14 3.31 5.05
C LEU B 223 -17.31 3.64 3.57
N THR B 224 -17.00 2.67 2.68
CA THR B 224 -17.18 2.89 1.25
C THR B 224 -18.61 3.35 1.01
N ALA B 225 -19.57 2.58 1.51
CA ALA B 225 -21.01 2.80 1.31
C ALA B 225 -21.52 4.20 1.71
N ARG B 226 -21.01 4.71 2.81
CA ARG B 226 -21.40 6.03 3.26
C ARG B 226 -20.82 7.13 2.37
N GLY B 227 -19.70 6.78 1.75
CA GLY B 227 -18.99 7.71 0.85
C GLY B 227 -19.91 7.97 -0.30
N VAL B 228 -20.54 6.91 -0.80
CA VAL B 228 -21.39 7.05 -1.95
C VAL B 228 -22.68 7.80 -1.61
N VAL B 229 -23.23 7.54 -0.43
CA VAL B 229 -24.47 8.21 -0.03
C VAL B 229 -24.16 9.68 -0.02
N LEU B 230 -23.14 10.07 0.76
CA LEU B 230 -22.66 11.45 0.79
C LEU B 230 -22.42 12.01 -0.62
N ALA B 231 -21.78 11.22 -1.48
CA ALA B 231 -21.62 11.56 -2.89
C ALA B 231 -22.92 12.08 -3.58
N ARG B 232 -24.07 11.61 -3.11
CA ARG B 232 -25.33 12.08 -3.69
C ARG B 232 -25.60 13.55 -3.31
N PHE B 233 -24.95 14.05 -2.28
CA PHE B 233 -25.14 15.42 -1.85
C PHE B 233 -24.57 16.51 -2.74
N ARG B 234 -25.50 17.32 -3.22
CA ARG B 234 -25.26 18.37 -4.20
C ARG B 234 -24.01 19.20 -3.91
N VAL B 235 -23.93 19.80 -2.72
CA VAL B 235 -22.82 20.70 -2.35
C VAL B 235 -21.40 20.15 -2.58
N LEU B 236 -21.27 18.88 -2.81
CA LEU B 236 -19.93 18.44 -2.92
C LEU B 236 -19.73 17.49 -4.09
N ARG B 237 -20.44 17.81 -5.19
CA ARG B 237 -20.20 17.20 -6.49
C ARG B 237 -18.86 17.61 -7.11
N PRO B 238 -18.42 18.88 -6.88
CA PRO B 238 -17.03 19.32 -7.08
C PRO B 238 -16.07 18.27 -6.63
N LEU B 239 -16.24 17.81 -5.40
CA LEU B 239 -15.34 16.81 -4.86
C LEU B 239 -15.44 15.47 -5.58
N VAL B 240 -16.66 15.09 -5.94
CA VAL B 240 -16.87 13.80 -6.56
C VAL B 240 -16.34 13.88 -7.97
N ARG B 241 -16.42 15.04 -8.62
CA ARG B 241 -15.77 15.20 -9.91
C ARG B 241 -14.27 15.01 -9.77
N GLU B 242 -13.67 15.75 -8.84
CA GLU B 242 -12.24 15.68 -8.63
C GLU B 242 -11.75 14.23 -8.62
N VAL B 243 -12.21 13.45 -7.64
CA VAL B 243 -11.84 12.04 -7.54
C VAL B 243 -12.24 11.18 -8.72
N HIS B 244 -13.23 11.59 -9.51
CA HIS B 244 -13.53 10.84 -10.75
C HIS B 244 -12.37 11.01 -11.70
N GLU B 245 -11.89 12.25 -11.82
CA GLU B 245 -10.80 12.56 -12.73
C GLU B 245 -9.52 11.82 -12.30
N LEU B 246 -9.03 12.17 -11.11
CA LEU B 246 -7.86 11.53 -10.52
C LEU B 246 -7.91 10.02 -10.65
N PHE B 247 -9.06 9.40 -10.41
CA PHE B 247 -9.13 7.95 -10.51
C PHE B 247 -9.14 7.38 -11.92
N THR B 248 -9.38 8.21 -12.94
CA THR B 248 -9.38 7.71 -14.32
C THR B 248 -7.99 7.72 -14.92
N ASP B 249 -7.08 8.48 -14.31
CA ASP B 249 -5.72 8.59 -14.78
C ASP B 249 -4.76 7.49 -14.34
N PHE B 250 -4.99 6.91 -13.16
CA PHE B 250 -3.89 6.27 -12.45
C PHE B 250 -3.92 4.75 -12.20
N LEU B 251 -2.70 4.16 -12.33
CA LEU B 251 -2.28 2.74 -12.01
C LEU B 251 -1.85 2.54 -10.50
S SO4 C . -15.77 24.76 14.42
O1 SO4 C . -15.87 25.36 13.08
O2 SO4 C . -15.15 25.71 15.36
O3 SO4 C . -17.12 24.45 14.87
O4 SO4 C . -14.97 23.54 14.39
S SO4 D . 37.13 15.63 14.45
O1 SO4 D . 36.19 14.64 15.01
O2 SO4 D . 36.56 16.97 14.31
O3 SO4 D . 38.30 15.67 15.33
O4 SO4 D . 37.56 15.19 13.12
S SO4 E . -13.34 -2.30 15.57
O1 SO4 E . -13.20 -1.08 14.73
O2 SO4 E . -14.04 -2.17 16.85
O3 SO4 E . -14.17 -3.22 14.79
O4 SO4 E . -11.97 -2.72 15.88
#